data_6Y3S
#
_entry.id   6Y3S
#
_cell.length_a   82.451
_cell.length_b   112.144
_cell.length_c   62.706
_cell.angle_alpha   90.000
_cell.angle_beta   90.000
_cell.angle_gamma   90.000
#
_symmetry.space_group_name_H-M   'C 2 2 21'
#
loop_
_entity.id
_entity.type
_entity.pdbx_description
1 polymer '14-3-3 protein sigma'
2 polymer Gab2
3 non-polymer 'MAGNESIUM ION'
4 water water
#
loop_
_entity_poly.entity_id
_entity_poly.type
_entity_poly.pdbx_seq_one_letter_code
_entity_poly.pdbx_strand_id
1 'polypeptide(L)'
;GAMGSMERASLIQKAKLAEQAERYEDMAAFMKGAVEKGEELS(CSO)EERNLLSVAYKNVVGGQRAAWRVLSSIEQKSNE
EGSEEKGPEVREYREKVETELQGVCDTVLGLLDSHLIKEAGDAESRVFYLKMKGDYYRYLAEVATGDDKKRIIDSARSAY
QEAMDISKKEMPPTNPIRLGLALNFSVFHYEIANSPEEAISLAKTTFDEAMADLHTLSEDSYKDSTLIMQLLRDNLTLWT
ADNAGEEGGEAPQEPQS
;
A
2 'polypeptide(L)' NARSA(SEP)FSQG P
#
# COMPACT_ATOMS: atom_id res chain seq x y z
N GLY A 1 2.12 15.01 -18.46
CA GLY A 1 2.15 14.18 -19.64
C GLY A 1 0.92 14.31 -20.49
N ALA A 2 0.22 13.18 -20.71
CA ALA A 2 -0.97 13.16 -21.54
C ALA A 2 -2.15 13.86 -20.87
N MET A 3 -2.13 14.06 -19.56
CA MET A 3 -3.20 14.75 -18.86
C MET A 3 -2.91 16.23 -18.66
N GLY A 4 -1.82 16.72 -19.24
CA GLY A 4 -1.45 18.12 -19.06
C GLY A 4 -2.46 19.10 -19.63
N SER A 5 -3.20 18.70 -20.66
CA SER A 5 -4.17 19.62 -21.26
C SER A 5 -5.53 19.63 -20.57
N MET A 6 -5.79 18.70 -19.64
CA MET A 6 -7.10 18.57 -19.04
C MET A 6 -7.16 19.30 -17.70
N GLU A 7 -8.30 19.93 -17.42
CA GLU A 7 -8.48 20.64 -16.16
C GLU A 7 -8.38 19.70 -14.96
N ARG A 8 -7.87 20.22 -13.85
CA ARG A 8 -7.75 19.43 -12.62
C ARG A 8 -9.11 18.92 -12.17
N ALA A 9 -10.12 19.79 -12.15
CA ALA A 9 -11.44 19.33 -11.74
C ALA A 9 -11.98 18.27 -12.69
N SER A 10 -11.67 18.35 -13.99
CA SER A 10 -12.13 17.33 -14.93
C SER A 10 -11.41 16.00 -14.71
N LEU A 11 -10.10 16.04 -14.41
CA LEU A 11 -9.38 14.80 -14.09
C LEU A 11 -9.98 14.14 -12.85
N ILE A 12 -10.36 14.93 -11.85
CA ILE A 12 -10.95 14.36 -10.65
C ILE A 12 -12.31 13.74 -10.96
N GLN A 13 -13.15 14.47 -11.71
CA GLN A 13 -14.46 13.95 -12.09
C GLN A 13 -14.33 12.67 -12.91
N LYS A 14 -13.36 12.61 -13.83
CA LYS A 14 -13.22 11.41 -14.64
C LYS A 14 -12.63 10.26 -13.83
N ALA A 15 -11.84 10.57 -12.80
CA ALA A 15 -11.33 9.51 -11.93
C ALA A 15 -12.48 8.84 -11.18
N LYS A 16 -13.49 9.62 -10.76
CA LYS A 16 -14.64 9.06 -10.08
C LYS A 16 -15.50 8.22 -11.03
N LEU A 17 -15.64 8.65 -12.27
CA LEU A 17 -16.33 7.83 -13.27
C LEU A 17 -15.60 6.50 -13.50
N ALA A 18 -14.27 6.56 -13.68
CA ALA A 18 -13.48 5.37 -13.92
C ALA A 18 -13.63 4.38 -12.78
N GLU A 19 -13.65 4.86 -11.53
CA GLU A 19 -13.93 3.97 -10.40
C GLU A 19 -15.29 3.30 -10.54
N GLN A 20 -16.33 4.08 -10.89
CA GLN A 20 -17.65 3.46 -11.07
C GLN A 20 -17.62 2.40 -12.16
N ALA A 21 -16.84 2.64 -13.20
CA ALA A 21 -16.69 1.73 -14.33
C ALA A 21 -15.68 0.62 -14.07
N GLU A 22 -15.05 0.59 -12.89
CA GLU A 22 -14.00 -0.36 -12.59
C GLU A 22 -12.88 -0.31 -13.64
N ARG A 23 -12.53 0.90 -14.06
CA ARG A 23 -11.45 1.15 -14.99
C ARG A 23 -10.28 1.76 -14.22
N TYR A 24 -9.57 0.92 -13.48
CA TYR A 24 -8.62 1.43 -12.51
C TYR A 24 -7.33 1.95 -13.15
N GLU A 25 -6.97 1.44 -14.32
CA GLU A 25 -5.84 2.00 -15.05
C GLU A 25 -6.12 3.44 -15.45
N ASP A 26 -7.30 3.67 -16.05
CA ASP A 26 -7.74 5.03 -16.36
C ASP A 26 -7.73 5.89 -15.10
N MET A 27 -8.29 5.37 -14.02
CA MET A 27 -8.42 6.12 -12.78
C MET A 27 -7.06 6.61 -12.29
N ALA A 28 -6.07 5.72 -12.29
CA ALA A 28 -4.73 6.09 -11.82
C ALA A 28 -4.10 7.14 -12.73
N ALA A 29 -4.24 6.99 -14.04
CA ALA A 29 -3.71 7.99 -14.96
C ALA A 29 -4.38 9.34 -14.75
N PHE A 30 -5.70 9.33 -14.53
CA PHE A 30 -6.39 10.58 -14.22
C PHE A 30 -5.85 11.19 -12.92
N MET A 31 -5.70 10.36 -11.89
CA MET A 31 -5.23 10.87 -10.60
C MET A 31 -3.77 11.28 -10.68
N LYS A 32 -2.95 10.58 -11.48
CA LYS A 32 -1.59 11.03 -11.68
C LYS A 32 -1.54 12.40 -12.35
N GLY A 33 -2.40 12.61 -13.35
CA GLY A 33 -2.51 13.93 -13.96
C GLY A 33 -2.95 15.00 -12.97
N ALA A 34 -3.91 14.66 -12.10
CA ALA A 34 -4.37 15.63 -11.11
C ALA A 34 -3.26 15.98 -10.13
N VAL A 35 -2.46 14.99 -9.72
CA VAL A 35 -1.34 15.26 -8.83
C VAL A 35 -0.34 16.18 -9.50
N GLU A 36 -0.01 15.89 -10.76
CA GLU A 36 1.01 16.66 -11.45
C GLU A 36 0.57 18.10 -11.73
N LYS A 37 -0.68 18.46 -11.44
CA LYS A 37 -1.07 19.87 -11.48
C LYS A 37 -0.36 20.69 -10.42
N GLY A 38 0.24 20.05 -9.42
CA GLY A 38 1.08 20.74 -8.46
C GLY A 38 0.40 21.18 -7.19
N GLU A 39 -0.94 21.13 -7.12
CA GLU A 39 -1.67 21.49 -5.92
C GLU A 39 -1.78 20.29 -4.97
N GLU A 40 -1.78 20.57 -3.67
CA GLU A 40 -2.03 19.54 -2.68
C GLU A 40 -3.41 18.92 -2.89
N LEU A 41 -3.58 17.70 -2.37
CA LEU A 41 -4.81 16.95 -2.57
C LEU A 41 -5.69 17.05 -1.32
N SER A 42 -7.00 17.13 -1.55
CA SER A 42 -7.94 17.04 -0.45
C SER A 42 -7.96 15.58 0.06
N GLU A 44 -10.49 13.57 0.09
CA GLU A 44 -11.21 12.74 -0.88
C GLU A 44 -10.34 12.41 -2.11
N GLU A 45 -9.54 13.38 -2.57
CA GLU A 45 -8.63 13.14 -3.69
C GLU A 45 -7.49 12.19 -3.29
N ARG A 46 -7.01 12.29 -2.06
CA ARG A 46 -6.00 11.32 -1.60
C ARG A 46 -6.58 9.91 -1.61
N ASN A 47 -7.83 9.76 -1.20
CA ASN A 47 -8.44 8.44 -1.22
C ASN A 47 -8.59 7.93 -2.65
N LEU A 48 -8.93 8.81 -3.59
CA LEU A 48 -9.05 8.36 -4.99
C LEU A 48 -7.70 7.91 -5.53
N LEU A 49 -6.65 8.68 -5.24
CA LEU A 49 -5.28 8.29 -5.60
C LEU A 49 -4.96 6.91 -5.07
N SER A 50 -5.26 6.68 -3.78
CA SER A 50 -4.98 5.40 -3.14
C SER A 50 -5.76 4.26 -3.78
N VAL A 51 -7.07 4.45 -3.98
CA VAL A 51 -7.90 3.38 -4.55
C VAL A 51 -7.39 3.01 -5.94
N ALA A 52 -7.05 4.00 -6.76
CA ALA A 52 -6.68 3.72 -8.15
C ALA A 52 -5.44 2.83 -8.22
N TYR A 53 -4.36 3.23 -7.54
CA TYR A 53 -3.12 2.48 -7.67
C TYR A 53 -3.18 1.16 -6.90
N LYS A 54 -3.93 1.12 -5.79
CA LYS A 54 -4.08 -0.14 -5.05
C LYS A 54 -4.69 -1.20 -5.96
N ASN A 55 -5.63 -0.81 -6.81
CA ASN A 55 -6.29 -1.76 -7.68
C ASN A 55 -5.39 -2.13 -8.85
N VAL A 56 -4.64 -1.16 -9.37
CA VAL A 56 -3.70 -1.45 -10.45
C VAL A 56 -2.61 -2.40 -9.95
N VAL A 57 -1.95 -2.03 -8.86
CA VAL A 57 -0.87 -2.88 -8.38
C VAL A 57 -1.41 -4.17 -7.78
N GLY A 58 -2.66 -4.15 -7.30
CA GLY A 58 -3.24 -5.37 -6.74
C GLY A 58 -3.45 -6.46 -7.78
N GLY A 59 -3.86 -6.08 -8.99
CA GLY A 59 -3.93 -7.05 -10.07
C GLY A 59 -2.55 -7.55 -10.48
N GLN A 60 -1.56 -6.66 -10.54
CA GLN A 60 -0.22 -7.08 -10.92
C GLN A 60 0.39 -8.02 -9.88
N ARG A 61 0.18 -7.75 -8.59
CA ARG A 61 0.69 -8.63 -7.54
C ARG A 61 0.04 -10.00 -7.62
N ALA A 62 -1.27 -10.05 -7.87
CA ALA A 62 -1.96 -11.33 -8.00
C ALA A 62 -1.41 -12.14 -9.17
N ALA A 63 -1.17 -11.48 -10.30
CA ALA A 63 -0.61 -12.18 -11.45
C ALA A 63 0.82 -12.64 -11.17
N TRP A 64 1.63 -11.75 -10.57
CA TRP A 64 3.01 -12.11 -10.22
C TRP A 64 3.03 -13.36 -9.34
N ARG A 65 2.08 -13.46 -8.41
CA ARG A 65 2.09 -14.62 -7.51
C ARG A 65 1.74 -15.89 -8.26
N VAL A 66 0.80 -15.82 -9.19
CA VAL A 66 0.45 -16.99 -9.99
C VAL A 66 1.65 -17.44 -10.82
N LEU A 67 2.38 -16.49 -11.40
CA LEU A 67 3.51 -16.82 -12.26
C LEU A 67 4.71 -17.28 -11.46
N SER A 68 4.96 -16.66 -10.30
CA SER A 68 6.08 -17.08 -9.47
C SER A 68 5.88 -18.50 -8.95
N SER A 69 4.63 -18.86 -8.65
CA SER A 69 4.35 -20.22 -8.19
C SER A 69 4.59 -21.23 -9.30
N ILE A 70 4.08 -20.94 -10.51
CA ILE A 70 4.34 -21.81 -11.64
C ILE A 70 5.84 -21.95 -11.85
N GLU A 71 6.57 -20.84 -11.75
CA GLU A 71 8.01 -20.87 -11.97
C GLU A 71 8.70 -21.76 -10.95
N GLN A 72 8.30 -21.65 -9.68
CA GLN A 72 8.96 -22.43 -8.64
C GLN A 72 8.71 -23.92 -8.82
N LYS A 73 7.49 -24.30 -9.20
CA LYS A 73 7.22 -25.69 -9.51
C LYS A 73 8.08 -26.16 -10.69
N SER A 74 8.30 -25.28 -11.66
CA SER A 74 9.11 -25.63 -12.82
C SER A 74 10.56 -25.91 -12.45
N ASN A 75 11.00 -25.46 -11.27
CA ASN A 75 12.39 -25.59 -10.84
C ASN A 75 12.58 -26.67 -9.78
N GLU A 76 11.64 -27.60 -9.69
CA GLU A 76 11.76 -28.71 -8.75
C GLU A 76 12.26 -29.96 -9.47
N GLU A 77 12.75 -30.91 -8.68
CA GLU A 77 13.22 -32.18 -9.24
C GLU A 77 12.07 -32.93 -9.89
N GLY A 78 12.34 -33.53 -11.05
CA GLY A 78 11.35 -34.27 -11.79
C GLY A 78 10.49 -33.44 -12.72
N SER A 79 10.48 -32.12 -12.57
CA SER A 79 9.73 -31.25 -13.46
C SER A 79 10.44 -31.17 -14.80
N GLU A 80 9.68 -31.31 -15.88
CA GLU A 80 10.25 -31.21 -17.22
C GLU A 80 10.55 -29.75 -17.56
N GLU A 81 11.66 -29.53 -18.27
CA GLU A 81 12.08 -28.18 -18.65
C GLU A 81 11.23 -27.69 -19.81
N LYS A 82 10.68 -26.49 -19.67
CA LYS A 82 9.74 -25.95 -20.65
C LYS A 82 10.30 -24.73 -21.37
N GLY A 83 11.58 -24.42 -21.21
CA GLY A 83 12.17 -23.25 -21.82
C GLY A 83 12.08 -22.03 -20.93
N PRO A 84 12.50 -20.88 -21.45
CA PRO A 84 12.60 -19.66 -20.65
C PRO A 84 11.29 -18.88 -20.53
N GLU A 85 10.19 -19.41 -21.07
CA GLU A 85 8.99 -18.62 -21.24
C GLU A 85 8.36 -18.22 -19.91
N VAL A 86 8.35 -19.12 -18.93
CA VAL A 86 7.73 -18.79 -17.65
C VAL A 86 8.53 -17.70 -16.95
N ARG A 87 9.85 -17.86 -16.87
CA ARG A 87 10.68 -16.80 -16.30
C ARG A 87 10.55 -15.49 -17.06
N GLU A 88 10.50 -15.55 -18.39
CA GLU A 88 10.37 -14.33 -19.19
C GLU A 88 9.08 -13.59 -18.86
N TYR A 89 7.96 -14.32 -18.82
CA TYR A 89 6.69 -13.66 -18.58
C TYR A 89 6.57 -13.20 -17.12
N ARG A 90 7.08 -14.00 -16.17
CA ARG A 90 7.13 -13.53 -14.79
C ARG A 90 7.94 -12.24 -14.68
N GLU A 91 9.06 -12.16 -15.40
CA GLU A 91 9.88 -10.96 -15.42
C GLU A 91 9.13 -9.80 -16.05
N LYS A 92 8.32 -10.08 -17.07
CA LYS A 92 7.57 -9.02 -17.74
C LYS A 92 6.55 -8.39 -16.79
N VAL A 93 5.79 -9.22 -16.07
CA VAL A 93 4.82 -8.70 -15.11
C VAL A 93 5.53 -8.00 -13.98
N GLU A 94 6.62 -8.59 -13.49
CA GLU A 94 7.39 -8.00 -12.39
C GLU A 94 7.89 -6.61 -12.73
N THR A 95 8.42 -6.44 -13.94
CA THR A 95 8.90 -5.13 -14.36
C THR A 95 7.77 -4.11 -14.44
N GLU A 96 6.59 -4.54 -14.90
CA GLU A 96 5.44 -3.63 -14.95
C GLU A 96 5.03 -3.21 -13.55
N LEU A 97 4.98 -4.17 -12.62
CA LEU A 97 4.62 -3.87 -11.23
C LEU A 97 5.61 -2.90 -10.61
N GLN A 98 6.91 -3.14 -10.83
CA GLN A 98 7.91 -2.22 -10.31
C GLN A 98 7.73 -0.84 -10.92
N GLY A 99 7.33 -0.76 -12.19
CA GLY A 99 7.13 0.53 -12.82
C GLY A 99 6.00 1.32 -12.18
N VAL A 100 4.91 0.64 -11.83
CA VAL A 100 3.81 1.31 -11.13
C VAL A 100 4.27 1.76 -9.75
N CYS A 101 5.00 0.92 -9.03
CA CYS A 101 5.48 1.31 -7.71
C CYS A 101 6.39 2.55 -7.81
N ASP A 102 7.30 2.55 -8.78
CA ASP A 102 8.16 3.70 -8.99
C ASP A 102 7.35 4.95 -9.34
N THR A 103 6.29 4.78 -10.13
CA THR A 103 5.43 5.92 -10.45
C THR A 103 4.83 6.52 -9.19
N VAL A 104 4.29 5.67 -8.30
CA VAL A 104 3.69 6.16 -7.07
C VAL A 104 4.73 6.84 -6.18
N LEU A 105 5.85 6.15 -5.93
CA LEU A 105 6.92 6.73 -5.12
C LEU A 105 7.40 8.03 -5.71
N GLY A 106 7.47 8.11 -7.04
CA GLY A 106 7.83 9.35 -7.70
C GLY A 106 6.85 10.47 -7.42
N LEU A 107 5.55 10.16 -7.42
CA LEU A 107 4.57 11.20 -7.10
C LEU A 107 4.71 11.67 -5.66
N LEU A 108 4.93 10.72 -4.74
CA LEU A 108 5.10 11.05 -3.32
C LEU A 108 6.34 11.92 -3.12
N ASP A 109 7.42 11.66 -3.88
CA ASP A 109 8.65 12.42 -3.72
C ASP A 109 8.61 13.74 -4.47
N SER A 110 7.72 13.90 -5.44
CA SER A 110 7.67 15.10 -6.29
C SER A 110 6.20 15.46 -6.55
N HIS A 111 5.55 16.15 -5.60
CA HIS A 111 6.14 16.68 -4.37
C HIS A 111 5.16 16.55 -3.21
N LEU A 112 4.38 15.46 -3.21
CA LEU A 112 3.27 15.33 -2.28
C LEU A 112 3.74 15.36 -0.83
N ILE A 113 4.80 14.62 -0.51
CA ILE A 113 5.18 14.50 0.90
C ILE A 113 5.74 15.82 1.43
N LYS A 114 6.60 16.48 0.65
CA LYS A 114 7.26 17.67 1.20
C LYS A 114 6.28 18.83 1.41
N GLU A 115 5.11 18.81 0.77
CA GLU A 115 4.13 19.86 0.99
C GLU A 115 3.06 19.48 2.01
N ALA A 116 3.04 18.25 2.49
CA ALA A 116 2.00 17.82 3.44
C ALA A 116 2.41 18.24 4.85
N GLY A 117 1.67 19.17 5.44
CA GLY A 117 2.00 19.65 6.77
C GLY A 117 1.07 19.11 7.84
N ASP A 118 -0.19 18.86 7.49
CA ASP A 118 -1.12 18.30 8.46
C ASP A 118 -0.80 16.84 8.70
N ALA A 119 -1.14 16.37 9.91
CA ALA A 119 -0.93 14.98 10.27
C ALA A 119 -1.64 14.03 9.31
N GLU A 120 -2.90 14.32 8.97
CA GLU A 120 -3.71 13.41 8.17
C GLU A 120 -3.12 13.21 6.77
N SER A 121 -2.66 14.30 6.14
CA SER A 121 -2.01 14.18 4.84
C SER A 121 -0.62 13.56 4.97
N ARG A 122 0.15 13.96 5.98
CA ARG A 122 1.54 13.50 6.05
C ARG A 122 1.63 12.02 6.38
N VAL A 123 0.82 11.55 7.33
CA VAL A 123 0.78 10.12 7.65
C VAL A 123 0.22 9.32 6.47
N PHE A 124 -0.78 9.86 5.77
CA PHE A 124 -1.34 9.13 4.64
C PHE A 124 -0.28 8.84 3.58
N TYR A 125 0.52 9.86 3.23
CA TYR A 125 1.48 9.70 2.14
C TYR A 125 2.67 8.84 2.58
N LEU A 126 3.10 8.99 3.84
CA LEU A 126 4.18 8.15 4.35
C LEU A 126 3.77 6.69 4.47
N LYS A 127 2.52 6.42 4.88
CA LYS A 127 2.00 5.06 4.79
C LYS A 127 2.02 4.54 3.35
N MET A 128 1.57 5.36 2.39
CA MET A 128 1.64 4.94 0.98
C MET A 128 3.06 4.63 0.58
N LYS A 129 4.01 5.49 0.97
CA LYS A 129 5.40 5.23 0.64
C LYS A 129 5.83 3.88 1.19
N GLY A 130 5.51 3.60 2.44
CA GLY A 130 5.82 2.30 3.02
C GLY A 130 5.15 1.15 2.29
N ASP A 131 3.88 1.32 1.91
CA ASP A 131 3.16 0.24 1.20
C ASP A 131 3.83 -0.09 -0.14
N TYR A 132 4.22 0.93 -0.90
CA TYR A 132 4.70 0.66 -2.25
C TYR A 132 6.16 0.20 -2.25
N TYR A 133 6.95 0.62 -1.26
CA TYR A 133 8.24 -0.06 -1.07
C TYR A 133 8.05 -1.51 -0.64
N ARG A 134 7.01 -1.78 0.14
CA ARG A 134 6.69 -3.16 0.53
C ARG A 134 6.30 -3.99 -0.69
N TYR A 135 5.59 -3.40 -1.64
CA TYR A 135 5.26 -4.16 -2.84
C TYR A 135 6.50 -4.44 -3.67
N LEU A 136 7.43 -3.48 -3.71
CA LEU A 136 8.75 -3.75 -4.31
C LEU A 136 9.48 -4.85 -3.56
N ALA A 137 9.38 -4.86 -2.22
CA ALA A 137 10.09 -5.88 -1.44
C ALA A 137 9.57 -7.27 -1.72
N GLU A 138 8.26 -7.40 -1.99
CA GLU A 138 7.68 -8.71 -2.28
C GLU A 138 8.38 -9.40 -3.46
N VAL A 139 8.88 -8.64 -4.42
CA VAL A 139 9.48 -9.23 -5.62
C VAL A 139 10.98 -8.99 -5.70
N ALA A 140 11.58 -8.35 -4.70
CA ALA A 140 13.00 -8.08 -4.75
C ALA A 140 13.78 -9.35 -4.43
N THR A 141 14.91 -9.53 -5.12
CA THR A 141 15.81 -10.64 -4.84
C THR A 141 17.28 -10.27 -4.85
N GLY A 142 17.67 -9.19 -5.51
CA GLY A 142 19.07 -8.87 -5.71
C GLY A 142 19.72 -8.22 -4.52
N ASP A 143 20.74 -7.40 -4.80
CA ASP A 143 21.53 -6.76 -3.77
C ASP A 143 20.85 -5.54 -3.17
N ASP A 144 19.70 -5.14 -3.70
CA ASP A 144 18.95 -4.00 -3.19
C ASP A 144 17.80 -4.41 -2.29
N LYS A 145 17.55 -5.71 -2.13
CA LYS A 145 16.43 -6.17 -1.32
C LYS A 145 16.52 -5.67 0.12
N LYS A 146 17.73 -5.68 0.69
CA LYS A 146 17.88 -5.13 2.04
C LYS A 146 17.51 -3.66 2.08
N ARG A 147 18.00 -2.90 1.09
CA ARG A 147 17.75 -1.46 1.09
C ARG A 147 16.28 -1.13 0.81
N ILE A 148 15.60 -1.96 0.00
CA ILE A 148 14.17 -1.75 -0.23
C ILE A 148 13.38 -1.98 1.05
N ILE A 149 13.69 -3.07 1.76
CA ILE A 149 13.02 -3.36 3.03
C ILE A 149 13.23 -2.21 4.01
N ASP A 150 14.44 -1.65 4.07
CA ASP A 150 14.70 -0.57 5.01
C ASP A 150 14.02 0.73 4.61
N SER A 151 13.81 0.96 3.31
CA SER A 151 13.03 2.13 2.91
C SER A 151 11.58 1.98 3.30
N ALA A 152 11.02 0.78 3.11
CA ALA A 152 9.67 0.52 3.61
C ALA A 152 9.60 0.72 5.12
N ARG A 153 10.53 0.13 5.86
N ARG A 153 10.54 0.13 5.87
CA ARG A 153 10.51 0.26 7.32
CA ARG A 153 10.55 0.24 7.32
C ARG A 153 10.64 1.70 7.77
C ARG A 153 10.65 1.70 7.76
N SER A 154 11.55 2.46 7.14
CA SER A 154 11.75 3.84 7.51
C SER A 154 10.49 4.68 7.30
N ALA A 155 9.82 4.51 6.15
CA ALA A 155 8.63 5.32 5.90
C ALA A 155 7.50 4.96 6.87
N TYR A 156 7.30 3.67 7.12
CA TYR A 156 6.30 3.24 8.09
C TYR A 156 6.61 3.80 9.48
N GLN A 157 7.87 3.75 9.90
CA GLN A 157 8.24 4.20 11.24
C GLN A 157 8.00 5.69 11.40
N GLU A 158 8.35 6.49 10.39
CA GLU A 158 8.09 7.92 10.44
C GLU A 158 6.60 8.21 10.53
N ALA A 159 5.79 7.48 9.75
CA ALA A 159 4.35 7.65 9.82
C ALA A 159 3.81 7.24 11.18
N MET A 160 4.37 6.19 11.79
CA MET A 160 3.90 5.76 13.10
C MET A 160 4.15 6.83 14.16
N ASP A 161 5.35 7.41 14.16
CA ASP A 161 5.71 8.41 15.17
C ASP A 161 4.75 9.60 15.09
N ILE A 162 4.51 10.11 13.89
CA ILE A 162 3.57 11.21 13.72
C ILE A 162 2.17 10.81 14.19
N SER A 163 1.71 9.63 13.76
CA SER A 163 0.32 9.26 14.04
C SER A 163 0.08 9.06 15.54
N LYS A 164 1.06 8.53 16.27
CA LYS A 164 0.87 8.37 17.70
C LYS A 164 0.85 9.71 18.41
N LYS A 165 1.68 10.66 17.96
CA LYS A 165 1.68 11.99 18.56
C LYS A 165 0.42 12.76 18.20
N GLU A 166 -0.04 12.62 16.97
CA GLU A 166 -0.98 13.58 16.40
C GLU A 166 -2.40 13.07 16.21
N MET A 167 -2.64 11.78 16.36
CA MET A 167 -3.96 11.26 16.05
C MET A 167 -4.46 10.39 17.21
N PRO A 168 -5.78 10.24 17.34
CA PRO A 168 -6.31 9.32 18.34
C PRO A 168 -6.14 7.88 17.90
N PRO A 169 -6.06 6.93 18.84
CA PRO A 169 -5.83 5.53 18.47
C PRO A 169 -6.88 4.94 17.55
N THR A 170 -8.06 5.55 17.43
CA THR A 170 -9.12 5.03 16.60
C THR A 170 -9.15 5.62 15.20
N ASN A 171 -8.26 6.56 14.91
CA ASN A 171 -8.25 7.19 13.60
C ASN A 171 -8.02 6.14 12.52
N PRO A 172 -8.88 6.09 11.47
CA PRO A 172 -8.71 5.05 10.43
C PRO A 172 -7.36 5.05 9.73
N ILE A 173 -6.77 6.22 9.52
CA ILE A 173 -5.44 6.25 8.89
C ILE A 173 -4.41 5.66 9.83
N ARG A 174 -4.48 6.02 11.11
CA ARG A 174 -3.56 5.43 12.08
C ARG A 174 -3.76 3.91 12.18
N LEU A 175 -5.01 3.46 12.22
CA LEU A 175 -5.30 2.02 12.28
C LEU A 175 -4.81 1.30 11.03
N GLY A 176 -5.13 1.84 9.85
CA GLY A 176 -4.70 1.20 8.62
C GLY A 176 -3.19 1.17 8.47
N LEU A 177 -2.52 2.21 8.95
CA LEU A 177 -1.06 2.24 8.93
C LEU A 177 -0.49 1.16 9.85
N ALA A 178 -1.05 1.00 11.04
CA ALA A 178 -0.51 0.00 11.96
C ALA A 178 -0.77 -1.41 11.44
N LEU A 179 -1.96 -1.64 10.88
CA LEU A 179 -2.22 -2.92 10.24
C LEU A 179 -1.15 -3.25 9.19
N ASN A 180 -0.87 -2.30 8.28
CA ASN A 180 0.04 -2.61 7.17
C ASN A 180 1.48 -2.76 7.65
N PHE A 181 1.89 -1.96 8.64
CA PHE A 181 3.22 -2.12 9.24
C PHE A 181 3.33 -3.48 9.90
N SER A 182 2.23 -3.96 10.51
CA SER A 182 2.26 -5.30 11.10
C SER A 182 2.37 -6.38 10.02
N VAL A 183 1.72 -6.16 8.87
CA VAL A 183 1.88 -7.05 7.72
C VAL A 183 3.30 -7.01 7.19
N PHE A 184 3.90 -5.82 7.16
CA PHE A 184 5.31 -5.69 6.81
C PHE A 184 6.18 -6.56 7.74
N HIS A 185 5.98 -6.44 9.05
CA HIS A 185 6.80 -7.21 9.98
C HIS A 185 6.62 -8.71 9.74
N TYR A 186 5.37 -9.15 9.55
CA TYR A 186 5.10 -10.58 9.43
C TYR A 186 5.56 -11.13 8.09
N GLU A 187 5.21 -10.45 7.00
CA GLU A 187 5.40 -11.03 5.68
C GLU A 187 6.73 -10.66 5.02
N ILE A 188 7.35 -9.56 5.42
CA ILE A 188 8.54 -9.03 4.73
C ILE A 188 9.77 -9.08 5.62
N ALA A 189 9.67 -8.60 6.86
CA ALA A 189 10.84 -8.47 7.72
C ALA A 189 11.11 -9.70 8.57
N ASN A 190 10.37 -10.77 8.40
CA ASN A 190 10.57 -12.00 9.16
C ASN A 190 10.56 -11.72 10.66
N SER A 191 9.62 -10.90 11.09
CA SER A 191 9.50 -10.52 12.50
C SER A 191 8.07 -10.77 12.96
N PRO A 192 7.65 -12.04 13.00
CA PRO A 192 6.24 -12.31 13.29
C PRO A 192 5.84 -11.94 14.70
N GLU A 193 6.77 -11.96 15.65
CA GLU A 193 6.45 -11.54 17.01
C GLU A 193 6.23 -10.03 17.08
N GLU A 194 7.02 -9.26 16.32
CA GLU A 194 6.79 -7.82 16.26
C GLU A 194 5.47 -7.50 15.58
N ALA A 195 5.09 -8.28 14.58
CA ALA A 195 3.81 -8.13 13.92
C ALA A 195 2.64 -8.34 14.89
N ILE A 196 2.74 -9.41 15.70
CA ILE A 196 1.66 -9.76 16.63
C ILE A 196 1.56 -8.73 17.75
N SER A 197 2.71 -8.32 18.31
CA SER A 197 2.68 -7.29 19.35
CA SER A 197 2.68 -7.29 19.35
C SER A 197 2.09 -6.00 18.83
N LEU A 198 2.49 -5.58 17.63
CA LEU A 198 1.94 -4.35 17.09
C LEU A 198 0.44 -4.48 16.89
N ALA A 199 -0.03 -5.62 16.38
CA ALA A 199 -1.45 -5.77 16.10
C ALA A 199 -2.28 -5.81 17.39
N LYS A 200 -1.81 -6.54 18.41
CA LYS A 200 -2.53 -6.60 19.68
C LYS A 200 -2.58 -5.24 20.35
N THR A 201 -1.44 -4.55 20.43
CA THR A 201 -1.38 -3.23 21.06
C THR A 201 -2.27 -2.23 20.33
N THR A 202 -2.21 -2.20 19.00
CA THR A 202 -3.05 -1.29 18.22
C THR A 202 -4.53 -1.56 18.46
N PHE A 203 -4.90 -2.83 18.54
CA PHE A 203 -6.31 -3.20 18.73
C PHE A 203 -6.79 -2.79 20.12
N ASP A 204 -6.03 -3.12 21.16
CA ASP A 204 -6.44 -2.82 22.52
C ASP A 204 -6.58 -1.31 22.74
N GLU A 205 -5.64 -0.53 22.20
CA GLU A 205 -5.69 0.92 22.37
C GLU A 205 -6.85 1.55 21.61
N ALA A 206 -7.19 1.02 20.43
CA ALA A 206 -8.39 1.50 19.77
C ALA A 206 -9.64 1.12 20.56
N MET A 207 -9.69 -0.12 21.06
CA MET A 207 -10.84 -0.57 21.84
C MET A 207 -11.15 0.37 23.01
N ALA A 208 -10.11 0.84 23.71
CA ALA A 208 -10.33 1.69 24.87
C ALA A 208 -10.75 3.09 24.47
N ASP A 209 -10.67 3.45 23.19
CA ASP A 209 -11.03 4.77 22.69
C ASP A 209 -12.38 4.80 21.97
N LEU A 210 -13.01 3.66 21.74
CA LEU A 210 -14.25 3.64 20.96
C LEU A 210 -15.35 4.47 21.61
N HIS A 211 -15.35 4.57 22.94
CA HIS A 211 -16.46 5.23 23.61
C HIS A 211 -16.53 6.71 23.27
N THR A 212 -15.48 7.27 22.70
CA THR A 212 -15.46 8.69 22.34
C THR A 212 -16.18 8.95 21.01
N SER A 214 -18.78 8.80 17.57
CA SER A 214 -20.07 8.72 16.87
C SER A 214 -20.27 7.33 16.30
N GLU A 215 -21.53 6.96 16.07
CA GLU A 215 -21.80 5.65 15.49
C GLU A 215 -21.16 5.51 14.11
N ASP A 216 -21.08 6.60 13.33
CA ASP A 216 -20.45 6.51 12.01
C ASP A 216 -18.93 6.30 12.13
N SER A 217 -18.26 7.00 13.04
CA SER A 217 -16.83 6.77 13.23
C SER A 217 -16.58 5.45 13.92
N TYR A 218 -17.47 5.04 14.83
CA TYR A 218 -17.41 3.71 15.41
C TYR A 218 -17.35 2.63 14.33
N LYS A 219 -18.22 2.75 13.33
CA LYS A 219 -18.25 1.74 12.28
C LYS A 219 -16.96 1.76 11.45
N ASP A 220 -16.40 2.95 11.23
CA ASP A 220 -15.17 3.07 10.44
C ASP A 220 -13.99 2.40 11.15
N SER A 221 -13.83 2.68 12.44
CA SER A 221 -12.71 2.12 13.19
C SER A 221 -12.85 0.62 13.37
N THR A 222 -14.03 0.16 13.81
CA THR A 222 -14.20 -1.26 14.10
C THR A 222 -14.01 -2.11 12.83
N LEU A 223 -14.33 -1.57 11.66
CA LEU A 223 -14.04 -2.29 10.43
C LEU A 223 -12.55 -2.62 10.34
N ILE A 224 -11.68 -1.64 10.62
CA ILE A 224 -10.25 -1.89 10.46
C ILE A 224 -9.73 -2.74 11.61
N MET A 225 -10.31 -2.60 12.81
CA MET A 225 -9.91 -3.42 13.94
C MET A 225 -10.19 -4.89 13.68
N GLN A 226 -11.28 -5.19 12.96
CA GLN A 226 -11.56 -6.58 12.60
C GLN A 226 -10.47 -7.16 11.71
N LEU A 227 -9.85 -6.35 10.85
CA LEU A 227 -8.73 -6.84 10.06
C LEU A 227 -7.54 -7.17 10.96
N LEU A 228 -7.31 -6.36 11.98
CA LEU A 228 -6.25 -6.68 12.94
C LEU A 228 -6.57 -7.98 13.65
N ARG A 229 -7.82 -8.12 14.10
CA ARG A 229 -8.28 -9.36 14.73
C ARG A 229 -8.09 -10.54 13.79
N ASP A 230 -8.53 -10.41 12.52
CA ASP A 230 -8.39 -11.51 11.56
C ASP A 230 -6.94 -11.96 11.46
N ASN A 231 -6.01 -11.00 11.33
CA ASN A 231 -4.60 -11.34 11.20
C ASN A 231 -4.09 -12.03 12.45
N LEU A 232 -4.44 -11.51 13.64
CA LEU A 232 -4.02 -12.15 14.87
C LEU A 232 -4.48 -13.60 14.92
N THR A 233 -5.71 -13.87 14.46
CA THR A 233 -6.20 -15.24 14.45
C THR A 233 -5.41 -16.08 13.47
N LEU A 234 -5.05 -15.50 12.33
CA LEU A 234 -4.20 -16.20 11.36
C LEU A 234 -2.82 -16.48 11.92
N TRP A 235 -2.26 -15.53 12.67
CA TRP A 235 -0.86 -15.60 13.07
C TRP A 235 -0.62 -16.38 14.34
N THR A 236 -1.64 -16.59 15.17
CA THR A 236 -1.47 -17.30 16.42
C THR A 236 -2.30 -18.57 16.45
N ARG B 3 -0.85 -13.79 2.55
CA ARG B 3 -2.14 -14.26 3.04
C ARG B 3 -2.69 -13.33 4.13
N SER B 4 -1.83 -12.49 4.71
CA SER B 4 -2.27 -11.52 5.68
C SER B 4 -3.10 -10.41 5.01
N ALA B 5 -4.05 -9.87 5.76
CA ALA B 5 -4.89 -8.80 5.24
C ALA B 5 -4.23 -7.46 5.47
N PHE B 7 -4.87 -3.03 4.54
CA PHE B 7 -6.00 -2.15 4.29
C PHE B 7 -5.55 -0.85 3.64
#